data_6G62
#
_entry.id   6G62
#
_cell.length_a   70.806
_cell.length_b   70.806
_cell.length_c   35.755
_cell.angle_alpha   90.00
_cell.angle_beta   90.00
_cell.angle_gamma   120.00
#
_symmetry.space_group_name_H-M   'P 65'
#
loop_
_entity.id
_entity.type
_entity.pdbx_description
1 polymer 'Thioredoxin O2, mitochondrial'
2 water water
#
_entity_poly.entity_id   1
_entity_poly.type   'polypeptide(L)'
_entity_poly.pdbx_seq_one_letter_code
;MGSSHHHHHHSSGLVPRGSHMRSSFVVLKSEAEFNSALSKARDGSLPSVFYFTAAWCGPCRLISPVILELSNKYPDVTTY
KVDIDEGGLSNAIGKLNVSAVPTLQFFKGGVKKAEIVGVDVVRLKSVMEQLYK
;
_entity_poly.pdbx_strand_id   A
#
# COMPACT_ATOMS: atom_id res chain seq x y z
N SER A 19 -12.92 7.94 9.58
CA SER A 19 -12.58 9.07 8.67
C SER A 19 -11.09 9.08 8.34
N HIS A 20 -10.70 9.91 7.38
CA HIS A 20 -9.32 9.96 6.91
C HIS A 20 -9.16 11.21 6.07
N MET A 21 -7.90 11.55 5.78
CA MET A 21 -7.60 12.63 4.85
C MET A 21 -7.63 12.08 3.43
N ARG A 22 -8.40 12.73 2.57
CA ARG A 22 -8.70 12.17 1.24
C ARG A 22 -7.43 11.79 0.50
N SER A 23 -6.47 12.72 0.43
CA SER A 23 -5.32 12.52 -0.45
C SER A 23 -4.38 11.42 0.04
N SER A 24 -4.51 10.97 1.29
CA SER A 24 -3.57 9.99 1.82
C SER A 24 -3.93 8.56 1.44
N PHE A 25 -5.10 8.31 0.87
CA PHE A 25 -5.51 6.97 0.43
C PHE A 25 -5.94 7.07 -1.02
N VAL A 26 -5.20 6.42 -1.90
CA VAL A 26 -5.36 6.55 -3.35
C VAL A 26 -5.72 5.18 -3.91
N VAL A 27 -6.84 5.11 -4.62
CA VAL A 27 -7.25 3.90 -5.31
C VAL A 27 -6.75 4.00 -6.75
N LEU A 28 -5.74 3.21 -7.07
CA LEU A 28 -5.18 3.24 -8.42
C LEU A 28 -6.09 2.49 -9.38
N LYS A 29 -6.25 3.04 -10.59
CA LYS A 29 -7.15 2.47 -11.59
C LYS A 29 -6.45 1.99 -12.84
N SER A 30 -5.23 2.43 -13.11
CA SER A 30 -4.53 2.05 -14.33
C SER A 30 -3.09 1.72 -14.00
N GLU A 31 -2.44 1.00 -14.93
CA GLU A 31 -1.02 0.71 -14.77
C GLU A 31 -0.19 1.98 -14.82
N ALA A 32 -0.61 2.95 -15.63
CA ALA A 32 0.10 4.23 -15.66
C ALA A 32 0.06 4.90 -14.29
N GLU A 33 -1.08 4.86 -13.62
CA GLU A 33 -1.17 5.42 -12.27
C GLU A 33 -0.25 4.67 -11.31
N PHE A 34 -0.21 3.34 -11.41
CA PHE A 34 0.69 2.57 -10.54
C PHE A 34 2.14 2.93 -10.80
N ASN A 35 2.53 3.04 -12.07
CA ASN A 35 3.90 3.41 -12.39
C ASN A 35 4.24 4.78 -11.83
N SER A 36 3.30 5.72 -11.88
CA SER A 36 3.52 7.03 -11.29
C SER A 36 3.74 6.93 -9.79
N ALA A 37 2.88 6.17 -9.10
CA ALA A 37 3.00 6.03 -7.66
C ALA A 37 4.31 5.36 -7.27
N LEU A 38 4.73 4.34 -8.02
CA LEU A 38 5.98 3.67 -7.68
C LEU A 38 7.18 4.58 -7.92
N SER A 39 7.11 5.46 -8.92
CA SER A 39 8.19 6.43 -9.13
C SER A 39 8.25 7.44 -7.98
N LYS A 40 7.08 7.84 -7.46
CA LYS A 40 7.06 8.69 -6.27
C LYS A 40 7.76 8.00 -5.09
N ALA A 41 7.53 6.69 -4.93
CA ALA A 41 8.09 5.96 -3.81
C ALA A 41 9.56 5.67 -3.97
N ARG A 42 10.04 5.56 -5.21
CA ARG A 42 11.45 5.25 -5.45
C ARG A 42 12.23 6.52 -5.76
N ASP A 43 12.10 7.02 -6.99
CA ASP A 43 12.86 8.22 -7.37
C ASP A 43 12.51 9.41 -6.48
N GLY A 44 11.24 9.59 -6.16
CA GLY A 44 10.83 10.74 -5.37
C GLY A 44 11.15 10.60 -3.91
N SER A 45 11.46 9.38 -3.45
CA SER A 45 11.81 9.12 -2.05
C SER A 45 10.67 9.46 -1.10
N LEU A 46 9.43 9.38 -1.58
CA LEU A 46 8.29 9.74 -0.73
C LEU A 46 7.85 8.55 0.11
N PRO A 47 7.43 8.76 1.36
CA PRO A 47 6.97 7.64 2.19
C PRO A 47 5.65 7.10 1.65
N SER A 48 5.64 5.82 1.29
CA SER A 48 4.57 5.24 0.49
C SER A 48 4.31 3.83 0.94
N VAL A 49 3.04 3.45 0.96
CA VAL A 49 2.61 2.09 1.26
C VAL A 49 1.77 1.61 0.09
N PHE A 50 2.05 0.40 -0.37
CA PHE A 50 1.27 -0.24 -1.43
C PHE A 50 0.48 -1.38 -0.82
N TYR A 51 -0.83 -1.34 -0.99
CA TYR A 51 -1.77 -2.29 -0.42
C TYR A 51 -2.34 -3.12 -1.57
N PHE A 52 -1.81 -4.33 -1.73
CA PHE A 52 -2.22 -5.23 -2.80
C PHE A 52 -3.40 -6.08 -2.30
N THR A 53 -4.50 -6.01 -3.03
CA THR A 53 -5.74 -6.65 -2.61
C THR A 53 -6.47 -7.13 -3.85
N ALA A 54 -7.65 -7.72 -3.63
CA ALA A 54 -8.48 -8.17 -4.73
C ALA A 54 -9.93 -8.15 -4.27
N ALA A 55 -10.82 -7.83 -5.20
CA ALA A 55 -12.24 -7.77 -4.86
C ALA A 55 -12.74 -9.11 -4.36
N TRP A 56 -12.18 -10.22 -4.85
CA TRP A 56 -12.60 -11.56 -4.46
C TRP A 56 -11.98 -12.02 -3.15
N CYS A 57 -11.18 -11.19 -2.50
CA CYS A 57 -10.51 -11.55 -1.24
C CYS A 57 -11.26 -10.87 -0.10
N GLY A 58 -12.08 -11.64 0.60
CA GLY A 58 -12.84 -11.13 1.72
C GLY A 58 -11.98 -10.66 2.87
N PRO A 59 -11.09 -11.54 3.36
CA PRO A 59 -10.23 -11.14 4.48
C PRO A 59 -9.40 -9.90 4.20
N CYS A 60 -9.06 -9.65 2.94
CA CYS A 60 -8.32 -8.44 2.60
C CYS A 60 -9.02 -7.19 3.10
N ARG A 61 -10.34 -7.21 3.17
CA ARG A 61 -11.09 -6.02 3.55
C ARG A 61 -10.89 -5.64 5.01
N LEU A 62 -10.36 -6.54 5.84
CA LEU A 62 -10.05 -6.19 7.21
C LEU A 62 -8.96 -5.12 7.31
N ILE A 63 -8.15 -4.98 6.27
CA ILE A 63 -6.97 -4.11 6.36
C ILE A 63 -7.33 -2.65 6.08
N SER A 64 -8.21 -2.40 5.12
CA SER A 64 -8.52 -1.03 4.70
C SER A 64 -8.93 -0.13 5.86
N PRO A 65 -9.85 -0.52 6.74
CA PRO A 65 -10.21 0.38 7.85
C PRO A 65 -9.04 0.74 8.73
N VAL A 66 -8.10 -0.19 8.94
CA VAL A 66 -6.95 0.09 9.78
C VAL A 66 -6.00 1.06 9.08
N ILE A 67 -5.78 0.89 7.77
CA ILE A 67 -4.99 1.84 7.01
C ILE A 67 -5.54 3.25 7.21
N LEU A 68 -6.85 3.41 7.02
CA LEU A 68 -7.45 4.74 7.12
C LEU A 68 -7.28 5.30 8.53
N GLU A 69 -7.47 4.45 9.54
CA GLU A 69 -7.30 4.89 10.92
C GLU A 69 -5.89 5.41 11.15
N LEU A 70 -4.89 4.71 10.63
CA LEU A 70 -3.50 5.05 10.88
C LEU A 70 -3.04 6.25 10.08
N SER A 71 -3.71 6.58 8.97
CA SER A 71 -3.25 7.67 8.14
C SER A 71 -3.19 8.98 8.91
N ASN A 72 -4.07 9.15 9.91
CA ASN A 72 -4.06 10.36 10.71
C ASN A 72 -2.81 10.45 11.59
N LYS A 73 -2.25 9.30 11.99
CA LYS A 73 -1.05 9.30 12.83
C LYS A 73 0.22 9.56 12.02
N TYR A 74 0.21 9.24 10.73
CA TYR A 74 1.40 9.34 9.88
C TYR A 74 1.02 10.11 8.62
N PRO A 75 0.80 11.42 8.74
CA PRO A 75 0.21 12.17 7.63
C PRO A 75 1.12 12.31 6.42
N ASP A 76 2.44 12.16 6.58
CA ASP A 76 3.33 12.22 5.43
C ASP A 76 3.20 11.00 4.52
N VAL A 77 2.65 9.91 5.02
CA VAL A 77 2.56 8.67 4.24
C VAL A 77 1.35 8.72 3.31
N THR A 78 1.55 8.28 2.08
CA THR A 78 0.45 8.02 1.15
C THR A 78 0.35 6.52 0.93
N THR A 79 -0.86 5.99 1.05
CA THR A 79 -1.12 4.57 0.84
C THR A 79 -1.91 4.40 -0.46
N TYR A 80 -1.45 3.46 -1.29
CA TYR A 80 -2.02 3.18 -2.60
C TYR A 80 -2.68 1.81 -2.56
N LYS A 81 -3.96 1.76 -2.87
CA LYS A 81 -4.69 0.50 -3.00
C LYS A 81 -4.53 -0.02 -4.42
N VAL A 82 -4.03 -1.25 -4.53
CA VAL A 82 -3.77 -1.89 -5.82
C VAL A 82 -4.67 -3.11 -5.89
N ASP A 83 -5.82 -2.98 -6.55
CA ASP A 83 -6.70 -4.13 -6.78
C ASP A 83 -6.17 -4.89 -7.98
N ILE A 84 -5.58 -6.07 -7.74
CA ILE A 84 -4.95 -6.84 -8.80
C ILE A 84 -5.95 -7.42 -9.77
N ASP A 85 -7.25 -7.33 -9.48
CA ASP A 85 -8.31 -7.76 -10.36
C ASP A 85 -8.76 -6.65 -11.30
N GLU A 86 -8.10 -5.49 -11.27
CA GLU A 86 -8.43 -4.37 -12.15
C GLU A 86 -7.63 -4.48 -13.45
N GLY A 87 -8.19 -3.91 -14.51
CA GLY A 87 -7.54 -3.92 -15.80
C GLY A 87 -6.18 -3.25 -15.77
N GLY A 88 -5.15 -3.97 -16.18
CA GLY A 88 -3.80 -3.45 -16.22
C GLY A 88 -3.03 -3.61 -14.92
N LEU A 89 -3.69 -3.35 -13.80
CA LEU A 89 -3.01 -3.47 -12.51
C LEU A 89 -2.55 -4.90 -12.23
N SER A 90 -2.96 -5.87 -13.04
CA SER A 90 -2.45 -7.23 -12.90
C SER A 90 -0.93 -7.29 -13.09
N ASN A 91 -0.35 -6.29 -13.74
CA ASN A 91 1.10 -6.25 -13.96
C ASN A 91 1.86 -5.68 -12.76
N ALA A 92 1.16 -5.17 -11.74
CA ALA A 92 1.83 -4.61 -10.59
C ALA A 92 2.47 -5.70 -9.74
N ILE A 93 1.81 -6.85 -9.62
CA ILE A 93 2.36 -7.93 -8.80
C ILE A 93 3.68 -8.42 -9.35
N GLY A 94 3.89 -8.30 -10.66
CA GLY A 94 5.17 -8.65 -11.23
C GLY A 94 6.25 -7.63 -10.94
N LYS A 95 5.87 -6.34 -10.92
CA LYS A 95 6.86 -5.29 -10.72
C LYS A 95 7.39 -5.26 -9.29
N LEU A 96 6.57 -5.66 -8.31
CA LEU A 96 6.99 -5.64 -6.91
C LEU A 96 7.03 -7.02 -6.28
N ASN A 97 6.98 -8.09 -7.08
CA ASN A 97 7.17 -9.46 -6.59
C ASN A 97 6.12 -9.81 -5.54
N VAL A 98 4.85 -9.69 -5.94
CA VAL A 98 3.71 -9.99 -5.08
C VAL A 98 3.10 -11.30 -5.56
N SER A 99 2.82 -12.20 -4.61
CA SER A 99 2.28 -13.51 -4.95
C SER A 99 1.17 -13.95 -3.99
N ALA A 100 0.65 -13.04 -3.16
CA ALA A 100 -0.43 -13.33 -2.24
C ALA A 100 -1.18 -12.05 -1.95
N VAL A 101 -2.44 -12.20 -1.57
CA VAL A 101 -3.23 -11.06 -1.10
C VAL A 101 -3.79 -11.39 0.28
N PRO A 102 -3.84 -10.44 1.20
CA PRO A 102 -3.27 -9.09 1.06
C PRO A 102 -1.75 -9.10 1.20
N THR A 103 -1.10 -8.18 0.50
CA THR A 103 0.31 -7.88 0.72
C THR A 103 0.44 -6.38 0.90
N LEU A 104 1.19 -5.96 1.91
CA LEU A 104 1.53 -4.56 2.13
C LEU A 104 3.03 -4.39 1.95
N GLN A 105 3.43 -3.40 1.15
CA GLN A 105 4.83 -3.06 1.01
C GLN A 105 5.02 -1.61 1.43
N PHE A 106 6.10 -1.36 2.18
CA PHE A 106 6.35 -0.07 2.81
C PHE A 106 7.65 0.50 2.24
N PHE A 107 7.60 1.74 1.78
CA PHE A 107 8.76 2.43 1.22
C PHE A 107 9.10 3.64 2.08
N LYS A 108 10.40 3.87 2.27
CA LYS A 108 10.89 5.10 2.90
C LYS A 108 12.29 5.38 2.35
N GLY A 109 12.62 6.65 2.19
CA GLY A 109 13.95 7.00 1.70
C GLY A 109 14.26 6.47 0.33
N GLY A 110 13.23 6.17 -0.47
CA GLY A 110 13.42 5.71 -1.82
C GLY A 110 13.59 4.22 -1.98
N VAL A 111 13.47 3.44 -0.90
CA VAL A 111 13.71 2.00 -0.95
C VAL A 111 12.63 1.27 -0.19
N LYS A 112 12.46 0.00 -0.53
CA LYS A 112 11.51 -0.85 0.18
C LYS A 112 12.09 -1.18 1.55
N LYS A 113 11.28 -0.93 2.60
CA LYS A 113 11.71 -1.13 3.97
C LYS A 113 11.03 -2.30 4.66
N ALA A 114 9.86 -2.72 4.21
CA ALA A 114 9.16 -3.80 4.88
C ALA A 114 8.07 -4.35 3.98
N GLU A 115 7.65 -5.56 4.30
CA GLU A 115 6.55 -6.23 3.62
C GLU A 115 5.80 -7.08 4.62
N ILE A 116 4.46 -7.07 4.53
CA ILE A 116 3.60 -7.92 5.35
C ILE A 116 2.72 -8.72 4.39
N VAL A 117 2.91 -10.04 4.39
CA VAL A 117 2.13 -10.95 3.56
C VAL A 117 1.04 -11.57 4.43
N GLY A 118 -0.19 -11.51 3.96
CA GLY A 118 -1.32 -12.04 4.71
C GLY A 118 -1.87 -11.02 5.69
N VAL A 119 -2.97 -11.40 6.33
CA VAL A 119 -3.64 -10.53 7.29
C VAL A 119 -2.84 -10.56 8.58
N ASP A 120 -2.24 -9.42 8.94
CA ASP A 120 -1.49 -9.28 10.19
C ASP A 120 -1.60 -7.81 10.61
N VAL A 121 -2.72 -7.50 11.27
CA VAL A 121 -3.03 -6.11 11.61
C VAL A 121 -2.10 -5.60 12.71
N VAL A 122 -1.80 -6.45 13.69
CA VAL A 122 -0.88 -6.04 14.75
C VAL A 122 0.45 -5.61 14.14
N ARG A 123 0.95 -6.38 13.17
CA ARG A 123 2.23 -6.04 12.55
C ARG A 123 2.13 -4.78 11.72
N LEU A 124 1.00 -4.59 11.03
CA LEU A 124 0.78 -3.36 10.28
C LEU A 124 0.92 -2.14 11.19
N LYS A 125 0.25 -2.15 12.34
CA LYS A 125 0.35 -1.02 13.27
C LYS A 125 1.79 -0.84 13.73
N SER A 126 2.48 -1.94 14.05
CA SER A 126 3.84 -1.83 14.58
C SER A 126 4.82 -1.37 13.52
N VAL A 127 4.65 -1.82 12.27
CA VAL A 127 5.57 -1.42 11.21
C VAL A 127 5.39 0.05 10.88
N MET A 128 4.13 0.53 10.81
CA MET A 128 3.91 1.95 10.55
C MET A 128 4.60 2.82 11.58
N GLU A 129 4.47 2.47 12.87
CA GLU A 129 5.13 3.21 13.92
C GLU A 129 6.64 3.13 13.80
N GLN A 130 7.18 1.91 13.61
CA GLN A 130 8.62 1.74 13.49
C GLN A 130 9.19 2.58 12.37
N LEU A 131 8.53 2.61 11.22
CA LEU A 131 9.10 3.28 10.05
C LEU A 131 8.84 4.77 10.04
N TYR A 132 7.64 5.21 10.44
CA TYR A 132 7.18 6.55 10.12
C TYR A 132 6.95 7.46 11.31
N LYS A 133 7.15 6.98 12.54
CA LYS A 133 6.95 7.83 13.71
C LYS A 133 7.85 9.06 13.64
#